data_1XOW
#
_entry.id   1XOW
#
_cell.length_a   54.941
_cell.length_b   66.118
_cell.length_c   70.440
_cell.angle_alpha   90.00
_cell.angle_beta   90.00
_cell.angle_gamma   90.00
#
_symmetry.space_group_name_H-M   'P 21 21 21'
#
loop_
_entity.id
_entity.type
_entity.pdbx_description
1 polymer 'androgen receptor'
2 polymer 'decamer fragment of androgen receptor'
3 non-polymer (17BETA)-17-HYDROXY-17-METHYLESTRA-4,9,11-TRIEN-3-ONE
4 water water
#
loop_
_entity_poly.entity_id
_entity_poly.type
_entity_poly.pdbx_seq_one_letter_code
_entity_poly.pdbx_strand_id
1 'polypeptide(L)'
;PIFLNVLEAIEPGVVCAGHDNNQPDSFAALLSSLNELGERQLVHVVKWAKALPGFRNLHVDDQMAVIQYSWMGLMVFAMG
WRSFTNVNSRMLYFAPDLVFNEYRMHKSRMYSQCVRMRHLSQEFGWLQITPQEFLCMKALLLFSIIPVDGLKNQKFFDEL
RMNYIKELDRIIACKRKNPTSCSRRFYQLTKLLDSVQPIARELHQFTFDLLIKSHMVSVDFPEMMAEIISVQVPKILSGK
VKPIYFHTQ
;
A
2 'polypeptide(L)' RGAFQNLFQSV B
#
loop_
_chem_comp.id
_chem_comp.type
_chem_comp.name
_chem_comp.formula
R18 non-polymer (17BETA)-17-HYDROXY-17-METHYLESTRA-4,9,11-TRIEN-3-ONE 'C19 H24 O2'
#
# COMPACT_ATOMS: atom_id res chain seq x y z
N PRO A 1 1.89 25.01 1.77
CA PRO A 1 3.18 24.87 2.44
C PRO A 1 3.26 23.79 3.53
N ILE A 2 2.99 24.17 4.78
CA ILE A 2 3.10 23.26 5.90
C ILE A 2 2.75 21.78 5.71
N PHE A 3 1.49 21.47 5.42
CA PHE A 3 1.08 20.08 5.24
C PHE A 3 1.89 19.35 4.16
N LEU A 4 1.95 19.96 2.97
CA LEU A 4 2.70 19.36 1.87
C LEU A 4 4.19 19.33 2.18
N ASN A 5 4.68 20.33 2.93
CA ASN A 5 6.09 20.36 3.29
C ASN A 5 6.44 19.11 4.06
N VAL A 6 5.59 18.75 5.02
CA VAL A 6 5.83 17.56 5.82
C VAL A 6 5.79 16.28 5.00
N LEU A 7 4.75 16.11 4.20
CA LEU A 7 4.60 14.92 3.37
C LEU A 7 5.82 14.70 2.48
N GLU A 8 6.35 15.77 1.90
CA GLU A 8 7.52 15.66 1.04
C GLU A 8 8.73 15.26 1.89
N ALA A 9 8.85 15.87 3.05
CA ALA A 9 9.97 15.60 3.96
C ALA A 9 10.02 14.17 4.51
N ILE A 10 8.88 13.55 4.75
CA ILE A 10 8.85 12.20 5.30
C ILE A 10 8.75 11.06 4.30
N GLU A 11 8.58 11.40 3.02
CA GLU A 11 8.43 10.40 1.96
C GLU A 11 9.63 9.46 1.87
N PRO A 12 9.39 8.15 2.04
CA PRO A 12 10.46 7.15 1.99
C PRO A 12 11.30 7.23 0.73
N GLY A 13 12.59 6.94 0.87
CA GLY A 13 13.48 6.95 -0.27
C GLY A 13 13.45 5.63 -1.00
N VAL A 14 14.47 5.37 -1.83
CA VAL A 14 14.54 4.13 -2.60
C VAL A 14 14.77 2.89 -1.74
N VAL A 15 14.03 1.82 -2.04
CA VAL A 15 14.18 0.57 -1.32
C VAL A 15 14.44 -0.57 -2.31
N CYS A 16 15.51 -1.31 -2.08
CA CYS A 16 15.86 -2.42 -2.97
C CYS A 16 15.40 -3.74 -2.40
N ALA A 17 15.15 -4.71 -3.28
CA ALA A 17 14.67 -6.02 -2.87
C ALA A 17 15.81 -6.98 -2.52
N GLY A 18 16.98 -6.75 -3.11
CA GLY A 18 18.12 -7.63 -2.86
C GLY A 18 18.03 -8.88 -3.72
N HIS A 19 17.24 -8.79 -4.79
CA HIS A 19 17.04 -9.90 -5.71
C HIS A 19 18.29 -10.21 -6.54
N ASP A 20 18.54 -11.49 -6.79
CA ASP A 20 19.69 -11.86 -7.61
C ASP A 20 19.25 -11.94 -9.06
N ASN A 21 19.48 -10.86 -9.80
CA ASN A 21 19.10 -10.79 -11.21
C ASN A 21 20.01 -11.59 -12.12
N ASN A 22 20.95 -12.33 -11.55
CA ASN A 22 21.88 -13.14 -12.34
C ASN A 22 21.39 -14.58 -12.49
N GLN A 23 20.42 -14.95 -11.66
CA GLN A 23 19.85 -16.29 -11.67
C GLN A 23 18.59 -16.26 -12.55
N PRO A 24 18.29 -17.36 -13.27
CA PRO A 24 17.08 -17.35 -14.12
C PRO A 24 15.83 -17.27 -13.23
N ASP A 25 14.81 -16.55 -13.71
CA ASP A 25 13.58 -16.39 -12.96
C ASP A 25 12.91 -17.71 -12.59
N SER A 26 12.24 -17.71 -11.44
CA SER A 26 11.52 -18.88 -10.96
C SER A 26 10.45 -18.40 -9.99
N PHE A 27 9.37 -19.16 -9.91
CA PHE A 27 8.25 -18.84 -9.02
C PHE A 27 8.72 -18.57 -7.58
N ALA A 28 9.43 -19.54 -7.00
CA ALA A 28 9.91 -19.41 -5.63
C ALA A 28 10.87 -18.24 -5.43
N ALA A 29 11.81 -18.06 -6.36
CA ALA A 29 12.77 -16.97 -6.26
C ALA A 29 12.13 -15.60 -6.34
N LEU A 30 11.27 -15.40 -7.34
CA LEU A 30 10.61 -14.10 -7.51
C LEU A 30 9.71 -13.75 -6.33
N LEU A 31 8.87 -14.68 -5.90
CA LEU A 31 7.96 -14.41 -4.80
C LEU A 31 8.68 -14.23 -3.48
N SER A 32 9.75 -15.00 -3.27
CA SER A 32 10.54 -14.85 -2.06
C SER A 32 11.16 -13.45 -2.04
N SER A 33 11.70 -13.02 -3.19
CA SER A 33 12.30 -11.69 -3.25
C SER A 33 11.25 -10.60 -3.01
N LEU A 34 10.03 -10.83 -3.48
CA LEU A 34 8.95 -9.86 -3.26
C LEU A 34 8.61 -9.81 -1.77
N ASN A 35 8.59 -10.97 -1.12
CA ASN A 35 8.28 -11.02 0.30
C ASN A 35 9.33 -10.27 1.10
N GLU A 36 10.60 -10.40 0.72
CA GLU A 36 11.67 -9.71 1.43
C GLU A 36 11.50 -8.21 1.22
N LEU A 37 11.17 -7.83 0.00
CA LEU A 37 10.96 -6.42 -0.33
C LEU A 37 9.81 -5.88 0.51
N GLY A 38 8.75 -6.68 0.63
CA GLY A 38 7.60 -6.28 1.41
C GLY A 38 7.97 -6.01 2.85
N GLU A 39 8.80 -6.86 3.44
CA GLU A 39 9.24 -6.70 4.81
C GLU A 39 10.02 -5.40 4.92
N ARG A 40 10.94 -5.19 3.97
CA ARG A 40 11.75 -3.97 3.98
C ARG A 40 10.88 -2.73 3.84
N GLN A 41 9.90 -2.77 2.94
CA GLN A 41 9.02 -1.62 2.75
C GLN A 41 8.13 -1.40 3.96
N LEU A 42 7.80 -2.48 4.68
CA LEU A 42 6.96 -2.35 5.86
C LEU A 42 7.65 -1.47 6.90
N VAL A 43 8.96 -1.67 7.07
CA VAL A 43 9.72 -0.88 8.03
C VAL A 43 9.64 0.60 7.64
N HIS A 44 9.78 0.89 6.36
CA HIS A 44 9.69 2.27 5.90
C HIS A 44 8.28 2.83 6.06
N VAL A 45 7.26 2.00 5.83
CA VAL A 45 5.88 2.47 5.98
C VAL A 45 5.60 2.85 7.44
N VAL A 46 6.16 2.07 8.36
CA VAL A 46 5.99 2.35 9.78
C VAL A 46 6.66 3.68 10.13
N LYS A 47 7.91 3.85 9.71
CA LYS A 47 8.64 5.09 9.99
C LYS A 47 7.89 6.30 9.40
N TRP A 48 7.39 6.13 8.18
CA TRP A 48 6.64 7.16 7.47
C TRP A 48 5.33 7.53 8.18
N ALA A 49 4.48 6.54 8.45
CA ALA A 49 3.21 6.77 9.11
C ALA A 49 3.32 7.43 10.50
N LYS A 50 4.30 7.01 11.29
CA LYS A 50 4.46 7.58 12.63
C LYS A 50 4.85 9.06 12.60
N ALA A 51 5.32 9.51 11.44
CA ALA A 51 5.75 10.89 11.25
C ALA A 51 4.68 11.74 10.56
N LEU A 52 3.54 11.15 10.24
CA LEU A 52 2.46 11.89 9.58
C LEU A 52 1.79 12.91 10.50
N PRO A 53 1.40 14.06 9.94
CA PRO A 53 0.74 15.08 10.76
C PRO A 53 -0.49 14.49 11.48
N GLY A 54 -0.54 14.70 12.80
CA GLY A 54 -1.66 14.22 13.58
C GLY A 54 -1.80 12.73 13.89
N PHE A 55 -0.85 11.92 13.45
CA PHE A 55 -0.91 10.49 13.68
C PHE A 55 -0.91 10.11 15.16
N ARG A 56 -0.18 10.87 15.97
CA ARG A 56 -0.12 10.61 17.41
C ARG A 56 -1.43 10.91 18.10
N ASN A 57 -2.38 11.49 17.38
CA ASN A 57 -3.69 11.81 17.94
C ASN A 57 -4.47 10.51 18.13
N LEU A 58 -4.12 9.50 17.36
CA LEU A 58 -4.77 8.20 17.42
C LEU A 58 -4.28 7.38 18.60
N HIS A 59 -5.17 6.55 19.14
CA HIS A 59 -4.81 5.67 20.24
C HIS A 59 -3.69 4.78 19.66
N VAL A 60 -2.70 4.45 20.48
CA VAL A 60 -1.59 3.61 20.03
C VAL A 60 -1.99 2.32 19.35
N ASP A 61 -3.03 1.66 19.85
CA ASP A 61 -3.48 0.42 19.25
C ASP A 61 -4.04 0.65 17.86
N ASP A 62 -4.65 1.81 17.65
CA ASP A 62 -5.22 2.14 16.35
C ASP A 62 -4.11 2.51 15.38
N GLN A 63 -3.05 3.12 15.92
CA GLN A 63 -1.91 3.48 15.09
C GLN A 63 -1.33 2.21 14.47
N MET A 64 -1.13 1.19 15.29
CA MET A 64 -0.57 -0.06 14.79
C MET A 64 -1.55 -0.78 13.87
N ALA A 65 -2.83 -0.70 14.20
CA ALA A 65 -3.86 -1.38 13.42
C ALA A 65 -4.01 -0.86 11.99
N VAL A 66 -4.11 0.46 11.83
CA VAL A 66 -4.28 1.02 10.50
C VAL A 66 -3.08 0.75 9.61
N ILE A 67 -1.88 0.75 10.17
CA ILE A 67 -0.68 0.48 9.37
C ILE A 67 -0.74 -0.95 8.84
N GLN A 68 -1.08 -1.89 9.72
CA GLN A 68 -1.18 -3.29 9.34
C GLN A 68 -2.29 -3.58 8.32
N TYR A 69 -3.41 -2.86 8.40
CA TYR A 69 -4.49 -3.08 7.45
C TYR A 69 -4.23 -2.43 6.11
N SER A 70 -3.63 -1.24 6.13
CA SER A 70 -3.38 -0.50 4.89
C SER A 70 -2.07 -0.80 4.18
N TRP A 71 -1.22 -1.61 4.81
CA TRP A 71 0.08 -2.00 4.27
C TRP A 71 0.07 -2.38 2.78
N MET A 72 -0.80 -3.31 2.41
CA MET A 72 -0.87 -3.77 1.02
C MET A 72 -1.24 -2.65 0.04
N GLY A 73 -2.32 -1.92 0.35
CA GLY A 73 -2.76 -0.84 -0.50
C GLY A 73 -1.71 0.25 -0.66
N LEU A 74 -1.06 0.60 0.44
CA LEU A 74 -0.01 1.61 0.41
C LEU A 74 1.11 1.17 -0.54
N MET A 75 1.54 -0.09 -0.44
CA MET A 75 2.61 -0.58 -1.29
C MET A 75 2.20 -0.58 -2.76
N VAL A 76 0.97 -1.02 -3.02
CA VAL A 76 0.45 -1.06 -4.37
C VAL A 76 0.41 0.32 -5.00
N PHE A 77 -0.10 1.29 -4.25
CA PHE A 77 -0.23 2.66 -4.73
C PHE A 77 1.14 3.28 -5.03
N ALA A 78 2.08 3.12 -4.11
CA ALA A 78 3.42 3.68 -4.29
C ALA A 78 4.13 2.99 -5.46
N MET A 79 3.94 1.68 -5.59
CA MET A 79 4.57 0.92 -6.66
C MET A 79 4.02 1.42 -8.00
N GLY A 80 2.71 1.64 -8.07
CA GLY A 80 2.10 2.14 -9.29
C GLY A 80 2.67 3.49 -9.67
N TRP A 81 2.91 4.34 -8.66
CA TRP A 81 3.48 5.66 -8.90
C TRP A 81 4.91 5.50 -9.43
N ARG A 82 5.70 4.63 -8.79
CA ARG A 82 7.08 4.40 -9.21
C ARG A 82 7.14 3.88 -10.64
N SER A 83 6.20 3.01 -10.98
CA SER A 83 6.15 2.45 -12.32
C SER A 83 5.80 3.53 -13.32
N PHE A 84 4.93 4.44 -12.91
CA PHE A 84 4.51 5.52 -13.78
C PHE A 84 5.64 6.50 -14.08
N THR A 85 6.33 6.97 -13.03
CA THR A 85 7.42 7.92 -13.19
C THR A 85 8.70 7.34 -13.77
N ASN A 86 9.05 6.12 -13.39
CA ASN A 86 10.28 5.49 -13.87
C ASN A 86 10.21 4.83 -15.23
N VAL A 87 9.25 3.93 -15.43
CA VAL A 87 9.13 3.23 -16.70
C VAL A 87 7.84 3.57 -17.44
N ASN A 88 7.23 4.67 -17.08
CA ASN A 88 6.00 5.13 -17.72
C ASN A 88 4.95 4.02 -17.79
N SER A 89 4.82 3.25 -16.71
CA SER A 89 3.84 2.18 -16.63
C SER A 89 4.07 1.01 -17.57
N ARG A 90 5.21 0.99 -18.27
CA ARG A 90 5.48 -0.12 -19.20
C ARG A 90 5.69 -1.43 -18.45
N MET A 91 6.30 -1.34 -17.28
CA MET A 91 6.57 -2.51 -16.43
C MET A 91 6.29 -2.14 -14.98
N LEU A 92 6.22 -3.14 -14.11
CA LEU A 92 5.97 -2.90 -12.70
C LEU A 92 7.28 -2.75 -11.97
N TYR A 93 7.54 -1.52 -11.55
CA TYR A 93 8.78 -1.16 -10.85
C TYR A 93 8.68 -1.43 -9.34
N PHE A 94 8.74 -2.70 -8.95
CA PHE A 94 8.66 -3.04 -7.53
C PHE A 94 9.86 -2.43 -6.80
N ALA A 95 11.02 -2.50 -7.44
CA ALA A 95 12.25 -1.96 -6.87
C ALA A 95 13.26 -1.85 -8.01
N PRO A 96 14.33 -1.08 -7.81
CA PRO A 96 15.34 -0.92 -8.85
C PRO A 96 15.87 -2.27 -9.31
N ASP A 97 16.01 -3.20 -8.37
CA ASP A 97 16.53 -4.52 -8.68
C ASP A 97 15.45 -5.59 -8.79
N LEU A 98 14.20 -5.15 -8.91
CA LEU A 98 13.10 -6.09 -9.07
C LEU A 98 12.01 -5.44 -9.93
N VAL A 99 12.26 -5.43 -11.24
CA VAL A 99 11.32 -4.84 -12.18
C VAL A 99 10.64 -5.98 -12.94
N PHE A 100 9.31 -6.00 -12.88
CA PHE A 100 8.54 -7.03 -13.53
C PHE A 100 8.10 -6.74 -14.97
N ASN A 101 8.55 -7.60 -15.88
CA ASN A 101 8.17 -7.52 -17.28
C ASN A 101 7.09 -8.59 -17.39
N GLU A 102 6.45 -8.71 -18.55
CA GLU A 102 5.39 -9.71 -18.72
C GLU A 102 5.84 -11.12 -18.32
N TYR A 103 7.07 -11.47 -18.69
CA TYR A 103 7.58 -12.79 -18.36
C TYR A 103 7.58 -13.07 -16.85
N ARG A 104 7.99 -12.09 -16.06
CA ARG A 104 8.01 -12.26 -14.61
C ARG A 104 6.60 -12.25 -14.04
N MET A 105 5.73 -11.47 -14.66
CA MET A 105 4.34 -11.41 -14.24
C MET A 105 3.75 -12.80 -14.36
N HIS A 106 4.16 -13.48 -15.43
CA HIS A 106 3.67 -14.83 -15.69
C HIS A 106 4.35 -15.86 -14.80
N LYS A 107 5.68 -15.79 -14.75
CA LYS A 107 6.48 -16.72 -13.97
C LYS A 107 6.10 -16.69 -12.48
N SER A 108 5.61 -15.54 -12.04
CA SER A 108 5.21 -15.36 -10.64
C SER A 108 3.80 -15.88 -10.38
N ARG A 109 3.11 -16.25 -11.45
CA ARG A 109 1.74 -16.76 -11.36
C ARG A 109 0.83 -15.71 -10.75
N MET A 110 1.23 -14.45 -10.84
CA MET A 110 0.48 -13.32 -10.31
C MET A 110 0.06 -12.44 -11.49
N TYR A 111 0.06 -13.01 -12.68
CA TYR A 111 -0.27 -12.25 -13.88
C TYR A 111 -1.53 -11.38 -13.77
N SER A 112 -2.66 -12.00 -13.46
CA SER A 112 -3.91 -11.24 -13.37
C SER A 112 -3.83 -10.09 -12.38
N GLN A 113 -3.20 -10.32 -11.22
CA GLN A 113 -3.08 -9.26 -10.23
C GLN A 113 -2.11 -8.18 -10.71
N CYS A 114 -1.08 -8.58 -11.45
CA CYS A 114 -0.12 -7.62 -11.97
C CYS A 114 -0.77 -6.73 -13.03
N VAL A 115 -1.68 -7.32 -13.81
CA VAL A 115 -2.40 -6.57 -14.85
C VAL A 115 -3.19 -5.44 -14.20
N ARG A 116 -3.82 -5.76 -13.07
CA ARG A 116 -4.60 -4.77 -12.33
C ARG A 116 -3.69 -3.66 -11.83
N MET A 117 -2.53 -4.03 -11.28
CA MET A 117 -1.59 -3.05 -10.76
C MET A 117 -1.00 -2.20 -11.88
N ARG A 118 -0.80 -2.79 -13.05
CA ARG A 118 -0.26 -2.05 -14.17
C ARG A 118 -1.30 -1.04 -14.66
N HIS A 119 -2.57 -1.41 -14.55
CA HIS A 119 -3.65 -0.52 -14.97
C HIS A 119 -3.68 0.70 -14.04
N LEU A 120 -3.55 0.44 -12.74
CA LEU A 120 -3.53 1.50 -11.74
C LEU A 120 -2.39 2.46 -12.07
N SER A 121 -1.23 1.90 -12.44
CA SER A 121 -0.07 2.71 -12.78
C SER A 121 -0.38 3.62 -13.97
N GLN A 122 -1.09 3.06 -14.95
CA GLN A 122 -1.45 3.80 -16.15
C GLN A 122 -2.40 4.97 -15.85
N GLU A 123 -3.20 4.82 -14.80
CA GLU A 123 -4.14 5.87 -14.43
C GLU A 123 -3.42 7.14 -13.97
N PHE A 124 -2.24 7.00 -13.37
CA PHE A 124 -1.48 8.16 -12.93
C PHE A 124 -1.17 9.02 -14.14
N GLY A 125 -0.99 8.36 -15.27
CA GLY A 125 -0.69 9.07 -16.50
C GLY A 125 -1.95 9.60 -17.16
N TRP A 126 -2.96 8.74 -17.28
CA TRP A 126 -4.22 9.15 -17.90
C TRP A 126 -4.87 10.30 -17.16
N LEU A 127 -4.62 10.38 -15.84
CA LEU A 127 -5.18 11.43 -15.02
C LEU A 127 -4.19 12.58 -14.77
N GLN A 128 -2.96 12.44 -15.25
CA GLN A 128 -1.95 13.47 -15.03
C GLN A 128 -1.82 13.80 -13.54
N ILE A 129 -1.76 12.77 -12.72
CA ILE A 129 -1.62 12.93 -11.28
C ILE A 129 -0.31 13.63 -10.95
N THR A 130 -0.38 14.71 -10.18
CA THR A 130 0.82 15.45 -9.81
C THR A 130 1.46 14.77 -8.59
N PRO A 131 2.77 15.01 -8.38
CA PRO A 131 3.48 14.42 -7.23
C PRO A 131 2.85 14.85 -5.91
N GLN A 132 2.32 16.06 -5.87
CA GLN A 132 1.69 16.57 -4.66
C GLN A 132 0.35 15.85 -4.41
N GLU A 133 -0.39 15.57 -5.49
CA GLU A 133 -1.65 14.85 -5.33
C GLU A 133 -1.35 13.42 -4.90
N PHE A 134 -0.28 12.85 -5.46
CA PHE A 134 0.12 11.48 -5.12
C PHE A 134 0.40 11.40 -3.62
N LEU A 135 1.18 12.36 -3.12
CA LEU A 135 1.53 12.38 -1.70
C LEU A 135 0.31 12.46 -0.79
N CYS A 136 -0.62 13.37 -1.10
CA CYS A 136 -1.79 13.52 -0.27
C CYS A 136 -2.68 12.29 -0.33
N MET A 137 -2.86 11.74 -1.53
CA MET A 137 -3.68 10.54 -1.70
C MET A 137 -3.11 9.35 -0.93
N LYS A 138 -1.79 9.16 -1.00
CA LYS A 138 -1.17 8.05 -0.30
C LYS A 138 -1.39 8.18 1.20
N ALA A 139 -1.26 9.40 1.73
CA ALA A 139 -1.46 9.63 3.16
C ALA A 139 -2.91 9.27 3.52
N LEU A 140 -3.87 9.66 2.69
CA LEU A 140 -5.28 9.36 2.97
C LEU A 140 -5.54 7.86 2.88
N LEU A 141 -4.78 7.17 2.03
CA LEU A 141 -4.92 5.73 1.86
C LEU A 141 -4.67 5.00 3.19
N LEU A 142 -3.76 5.52 4.00
CA LEU A 142 -3.47 4.90 5.30
C LEU A 142 -4.71 4.87 6.20
N PHE A 143 -5.59 5.84 6.03
CA PHE A 143 -6.81 5.95 6.84
C PHE A 143 -8.06 5.55 6.05
N SER A 144 -7.93 4.52 5.22
CA SER A 144 -9.05 4.09 4.40
C SER A 144 -9.51 2.64 4.58
N ILE A 145 -9.20 2.05 5.72
CA ILE A 145 -9.64 0.68 5.99
C ILE A 145 -9.66 0.47 7.50
N ILE A 146 -10.85 0.17 8.03
CA ILE A 146 -11.02 -0.01 9.46
C ILE A 146 -12.00 -1.14 9.82
N PRO A 147 -11.99 -1.60 11.08
CA PRO A 147 -12.90 -2.68 11.49
C PRO A 147 -14.34 -2.18 11.42
N VAL A 148 -15.25 -3.05 10.98
CA VAL A 148 -16.64 -2.67 10.90
C VAL A 148 -17.16 -2.39 12.33
N ASP A 149 -16.50 -3.01 13.31
CA ASP A 149 -16.87 -2.85 14.72
C ASP A 149 -16.27 -1.59 15.32
N GLY A 150 -15.45 -0.89 14.54
CA GLY A 150 -14.83 0.34 15.01
C GLY A 150 -13.45 0.17 15.64
N LEU A 151 -12.72 1.28 15.77
CA LEU A 151 -11.39 1.26 16.37
C LEU A 151 -11.51 1.58 17.86
N LYS A 152 -10.40 1.50 18.58
CA LYS A 152 -10.38 1.80 20.02
C LYS A 152 -11.01 3.17 20.24
N ASN A 153 -10.52 4.17 19.52
CA ASN A 153 -11.11 5.49 19.61
C ASN A 153 -11.43 5.97 18.20
N GLN A 154 -12.63 5.61 17.75
CA GLN A 154 -13.11 5.96 16.43
C GLN A 154 -13.18 7.45 16.16
N LYS A 155 -13.49 8.23 17.20
CA LYS A 155 -13.60 9.67 17.03
C LYS A 155 -12.31 10.37 16.62
N PHE A 156 -11.17 9.99 17.22
CA PHE A 156 -9.90 10.62 16.84
C PHE A 156 -9.53 10.23 15.41
N PHE A 157 -9.94 9.04 14.99
CA PHE A 157 -9.66 8.58 13.65
C PHE A 157 -10.51 9.35 12.64
N ASP A 158 -11.82 9.44 12.92
CA ASP A 158 -12.74 10.15 12.03
C ASP A 158 -12.27 11.58 11.82
N GLU A 159 -11.79 12.20 12.89
CA GLU A 159 -11.29 13.56 12.84
C GLU A 159 -10.05 13.67 11.95
N LEU A 160 -9.13 12.73 12.12
CA LEU A 160 -7.91 12.72 11.35
C LEU A 160 -8.18 12.48 9.87
N ARG A 161 -9.06 11.52 9.57
CA ARG A 161 -9.40 11.21 8.19
C ARG A 161 -10.03 12.43 7.54
N MET A 162 -10.96 13.05 8.26
CA MET A 162 -11.64 14.24 7.76
C MET A 162 -10.65 15.32 7.36
N ASN A 163 -9.66 15.57 8.21
CA ASN A 163 -8.66 16.58 7.93
C ASN A 163 -7.80 16.25 6.70
N TYR A 164 -7.50 14.97 6.49
CA TYR A 164 -6.70 14.62 5.32
C TYR A 164 -7.51 14.80 4.03
N ILE A 165 -8.83 14.61 4.12
CA ILE A 165 -9.68 14.79 2.96
C ILE A 165 -9.70 16.29 2.64
N LYS A 166 -9.71 17.10 3.70
CA LYS A 166 -9.70 18.56 3.53
C LYS A 166 -8.41 18.98 2.84
N GLU A 167 -7.29 18.36 3.21
CA GLU A 167 -6.02 18.72 2.60
C GLU A 167 -6.03 18.38 1.11
N LEU A 168 -6.63 17.25 0.75
CA LEU A 168 -6.70 16.85 -0.65
C LEU A 168 -7.51 17.93 -1.38
N ASP A 169 -8.58 18.38 -0.72
CA ASP A 169 -9.44 19.43 -1.26
C ASP A 169 -8.61 20.65 -1.63
N ARG A 170 -7.86 21.15 -0.64
CA ARG A 170 -7.03 22.33 -0.82
C ARG A 170 -6.04 22.20 -1.97
N ILE A 171 -5.37 21.05 -2.04
CA ILE A 171 -4.40 20.81 -3.09
C ILE A 171 -5.08 20.89 -4.45
N ILE A 172 -6.32 20.41 -4.51
CA ILE A 172 -7.09 20.44 -5.75
C ILE A 172 -7.49 21.88 -6.05
N ALA A 173 -7.94 22.58 -5.01
CA ALA A 173 -8.36 23.97 -5.14
C ALA A 173 -7.14 24.86 -5.42
N THR A 180 -15.99 24.54 -11.73
CA THR A 180 -16.52 23.21 -11.55
C THR A 180 -15.41 22.19 -11.77
N SER A 181 -14.18 22.68 -11.92
CA SER A 181 -13.03 21.83 -12.13
C SER A 181 -12.61 21.13 -10.84
N CYS A 182 -12.79 21.81 -9.71
CA CYS A 182 -12.44 21.24 -8.42
C CYS A 182 -13.29 20.00 -8.21
N SER A 183 -14.58 20.14 -8.51
CA SER A 183 -15.53 19.05 -8.36
C SER A 183 -15.11 17.83 -9.18
N ARG A 184 -14.83 18.04 -10.47
CA ARG A 184 -14.45 16.93 -11.33
C ARG A 184 -13.13 16.28 -10.90
N ARG A 185 -12.18 17.10 -10.45
CA ARG A 185 -10.89 16.57 -10.02
C ARG A 185 -11.07 15.70 -8.78
N PHE A 186 -11.84 16.20 -7.82
CA PHE A 186 -12.09 15.45 -6.60
C PHE A 186 -12.79 14.13 -6.93
N TYR A 187 -13.68 14.15 -7.91
CA TYR A 187 -14.40 12.96 -8.31
C TYR A 187 -13.45 11.87 -8.82
N GLN A 188 -12.58 12.22 -9.76
CA GLN A 188 -11.67 11.22 -10.31
C GLN A 188 -10.58 10.77 -9.33
N LEU A 189 -10.15 11.65 -8.44
CA LEU A 189 -9.13 11.27 -7.47
C LEU A 189 -9.70 10.30 -6.44
N THR A 190 -10.94 10.54 -6.01
CA THR A 190 -11.59 9.65 -5.05
C THR A 190 -11.90 8.34 -5.77
N LYS A 191 -12.22 8.42 -7.05
CA LYS A 191 -12.49 7.22 -7.81
C LYS A 191 -11.20 6.41 -7.90
N LEU A 192 -10.08 7.11 -8.12
CA LEU A 192 -8.79 6.43 -8.19
C LEU A 192 -8.48 5.76 -6.86
N LEU A 193 -8.63 6.49 -5.75
CA LEU A 193 -8.38 5.92 -4.42
C LEU A 193 -9.22 4.67 -4.18
N ASP A 194 -10.50 4.72 -4.58
CA ASP A 194 -11.35 3.55 -4.41
C ASP A 194 -10.84 2.35 -5.19
N SER A 195 -10.29 2.59 -6.38
CA SER A 195 -9.80 1.50 -7.22
C SER A 195 -8.64 0.71 -6.61
N VAL A 196 -7.98 1.29 -5.61
CA VAL A 196 -6.87 0.60 -4.95
C VAL A 196 -7.38 -0.59 -4.14
N GLN A 197 -8.51 -0.40 -3.47
CA GLN A 197 -9.07 -1.43 -2.60
C GLN A 197 -9.35 -2.80 -3.22
N PRO A 198 -9.99 -2.85 -4.40
CA PRO A 198 -10.24 -4.19 -4.97
C PRO A 198 -8.91 -4.88 -5.29
N ILE A 199 -7.91 -4.11 -5.71
CA ILE A 199 -6.60 -4.64 -6.03
C ILE A 199 -5.94 -5.20 -4.77
N ALA A 200 -5.98 -4.41 -3.70
CA ALA A 200 -5.41 -4.82 -2.42
C ALA A 200 -6.07 -6.09 -1.92
N ARG A 201 -7.37 -6.23 -2.16
CA ARG A 201 -8.08 -7.42 -1.72
C ARG A 201 -7.58 -8.66 -2.47
N GLU A 202 -7.41 -8.52 -3.78
CA GLU A 202 -6.92 -9.61 -4.60
C GLU A 202 -5.55 -10.07 -4.13
N LEU A 203 -4.70 -9.10 -3.81
CA LEU A 203 -3.36 -9.40 -3.34
C LEU A 203 -3.40 -10.00 -1.95
N HIS A 204 -4.36 -9.56 -1.13
CA HIS A 204 -4.52 -10.10 0.21
C HIS A 204 -4.85 -11.59 0.11
N GLN A 205 -5.77 -11.92 -0.78
CA GLN A 205 -6.17 -13.32 -0.98
C GLN A 205 -4.98 -14.14 -1.48
N PHE A 206 -4.25 -13.57 -2.45
CA PHE A 206 -3.12 -14.25 -3.04
C PHE A 206 -1.99 -14.49 -2.03
N THR A 207 -1.62 -13.45 -1.28
CA THR A 207 -0.54 -13.61 -0.31
C THR A 207 -0.95 -14.56 0.83
N PHE A 208 -2.24 -14.56 1.17
CA PHE A 208 -2.74 -15.45 2.23
C PHE A 208 -2.60 -16.91 1.78
N ASP A 209 -3.12 -17.20 0.59
CA ASP A 209 -3.05 -18.57 0.07
C ASP A 209 -1.59 -19.00 -0.09
N LEU A 210 -0.75 -18.05 -0.49
CA LEU A 210 0.67 -18.34 -0.68
C LEU A 210 1.33 -18.71 0.66
N LEU A 211 0.97 -17.99 1.72
CA LEU A 211 1.55 -18.27 3.03
C LEU A 211 1.13 -19.66 3.51
N ILE A 212 -0.13 -19.99 3.35
CA ILE A 212 -0.64 -21.28 3.79
C ILE A 212 0.08 -22.45 3.10
N LYS A 213 0.45 -22.26 1.84
CA LYS A 213 1.14 -23.33 1.11
C LYS A 213 2.63 -23.05 0.87
N SER A 214 3.15 -21.97 1.44
CA SER A 214 4.54 -21.59 1.26
C SER A 214 5.55 -22.73 1.46
N HIS A 215 5.28 -23.60 2.43
CA HIS A 215 6.16 -24.72 2.72
C HIS A 215 6.20 -25.74 1.59
N MET A 216 5.13 -25.80 0.80
CA MET A 216 5.03 -26.73 -0.31
C MET A 216 5.63 -26.20 -1.62
N VAL A 217 5.68 -24.88 -1.77
CA VAL A 217 6.21 -24.29 -2.99
C VAL A 217 7.57 -23.63 -2.82
N SER A 218 8.16 -23.79 -1.64
CA SER A 218 9.48 -23.23 -1.35
C SER A 218 9.51 -21.70 -1.35
N VAL A 219 8.45 -21.07 -0.86
CA VAL A 219 8.42 -19.61 -0.81
C VAL A 219 8.63 -19.16 0.63
N ASP A 220 9.65 -18.34 0.86
CA ASP A 220 9.95 -17.87 2.20
C ASP A 220 9.23 -16.58 2.58
N PHE A 221 8.70 -16.55 3.79
CA PHE A 221 8.01 -15.38 4.33
C PHE A 221 8.75 -14.83 5.55
N PRO A 222 9.14 -13.55 5.52
CA PRO A 222 9.84 -12.95 6.65
C PRO A 222 8.95 -12.93 7.88
N GLU A 223 9.57 -12.75 9.05
CA GLU A 223 8.92 -12.72 10.35
C GLU A 223 7.60 -11.94 10.43
N MET A 224 7.69 -10.61 10.34
CA MET A 224 6.52 -9.73 10.43
C MET A 224 5.43 -10.00 9.42
N MET A 225 5.82 -10.32 8.19
CA MET A 225 4.86 -10.59 7.14
C MET A 225 3.99 -11.79 7.46
N ALA A 226 4.64 -12.89 7.87
CA ALA A 226 3.93 -14.11 8.21
C ALA A 226 2.93 -13.83 9.32
N GLU A 227 3.34 -13.02 10.29
CA GLU A 227 2.46 -12.68 11.41
C GLU A 227 1.28 -11.84 10.95
N ILE A 228 1.57 -10.75 10.26
CA ILE A 228 0.52 -9.86 9.77
C ILE A 228 -0.45 -10.56 8.82
N ILE A 229 0.08 -11.39 7.92
CA ILE A 229 -0.76 -12.09 6.97
C ILE A 229 -1.64 -13.16 7.63
N SER A 230 -1.19 -13.72 8.75
CA SER A 230 -1.99 -14.76 9.42
C SER A 230 -2.83 -14.22 10.58
N VAL A 231 -2.47 -13.05 11.10
CA VAL A 231 -3.21 -12.48 12.21
C VAL A 231 -4.15 -11.34 11.84
N GLN A 232 -3.71 -10.48 10.92
CA GLN A 232 -4.50 -9.33 10.52
C GLN A 232 -5.26 -9.47 9.19
N VAL A 233 -4.54 -9.89 8.15
CA VAL A 233 -5.17 -10.03 6.85
C VAL A 233 -6.44 -10.88 6.87
N PRO A 234 -6.47 -11.98 7.65
CA PRO A 234 -7.70 -12.77 7.66
C PRO A 234 -8.91 -11.99 8.19
N LYS A 235 -8.64 -10.95 8.98
CA LYS A 235 -9.72 -10.12 9.50
C LYS A 235 -10.38 -9.41 8.33
N ILE A 236 -9.56 -9.05 7.35
CA ILE A 236 -10.05 -8.36 6.16
C ILE A 236 -10.77 -9.35 5.25
N LEU A 237 -10.14 -10.49 5.01
CA LEU A 237 -10.72 -11.50 4.13
C LEU A 237 -12.02 -12.11 4.68
N SER A 238 -12.17 -12.11 6.01
CA SER A 238 -13.37 -12.66 6.63
C SER A 238 -14.48 -11.61 6.78
N GLY A 239 -14.16 -10.37 6.40
CA GLY A 239 -15.14 -9.31 6.47
C GLY A 239 -15.23 -8.50 7.76
N LYS A 240 -14.34 -8.76 8.70
CA LYS A 240 -14.35 -8.02 9.96
C LYS A 240 -13.79 -6.61 9.78
N VAL A 241 -12.85 -6.48 8.86
CA VAL A 241 -12.22 -5.20 8.56
C VAL A 241 -12.51 -4.84 7.11
N LYS A 242 -13.03 -3.65 6.88
CA LYS A 242 -13.39 -3.25 5.53
C LYS A 242 -12.88 -1.88 5.10
N PRO A 243 -12.59 -1.72 3.80
CA PRO A 243 -12.10 -0.45 3.31
C PRO A 243 -13.25 0.58 3.32
N ILE A 244 -12.89 1.85 3.41
CA ILE A 244 -13.85 2.93 3.40
C ILE A 244 -13.88 3.44 1.96
N TYR A 245 -15.01 3.26 1.30
CA TYR A 245 -15.15 3.69 -0.09
C TYR A 245 -15.81 5.07 -0.17
N PHE A 246 -15.37 5.87 -1.14
CA PHE A 246 -15.95 7.18 -1.36
C PHE A 246 -17.28 7.00 -2.09
N HIS A 247 -17.24 6.18 -3.14
CA HIS A 247 -18.42 5.91 -3.95
C HIS A 247 -18.90 4.50 -3.67
N THR A 248 -20.19 4.25 -3.94
CA THR A 248 -20.74 2.93 -3.70
C THR A 248 -20.28 1.97 -4.79
N GLN A 249 -19.73 0.84 -4.39
CA GLN A 249 -19.23 -0.15 -5.35
C GLN A 249 -20.34 -1.00 -5.95
N GLY B 2 4.36 -11.09 18.56
CA GLY B 2 4.33 -9.60 18.50
C GLY B 2 5.50 -9.02 17.74
N ALA B 3 5.77 -9.56 16.55
CA ALA B 3 6.87 -9.08 15.72
C ALA B 3 6.64 -7.64 15.22
N PHE B 4 5.41 -7.34 14.83
CA PHE B 4 5.12 -5.99 14.34
C PHE B 4 5.20 -4.93 15.44
N GLN B 5 4.57 -5.20 16.58
CA GLN B 5 4.59 -4.24 17.69
C GLN B 5 6.03 -3.92 18.09
N ASN B 6 6.89 -4.94 18.05
CA ASN B 6 8.29 -4.74 18.39
C ASN B 6 8.93 -3.77 17.41
N LEU B 7 8.67 -3.95 16.13
CA LEU B 7 9.21 -3.03 15.13
C LEU B 7 8.64 -1.65 15.40
N PHE B 8 7.32 -1.60 15.53
CA PHE B 8 6.61 -0.34 15.76
C PHE B 8 7.24 0.44 16.91
N GLN B 9 7.60 -0.27 17.97
CA GLN B 9 8.18 0.38 19.15
C GLN B 9 9.68 0.65 19.06
N SER B 10 10.33 0.06 18.06
CA SER B 10 11.77 0.23 17.89
C SER B 10 12.17 1.39 16.99
N VAL B 11 11.19 2.05 16.37
CA VAL B 11 11.48 3.17 15.49
C VAL B 11 10.76 4.44 15.88
C1 R18 C . 6.35 -5.51 -2.53
C2 R18 C . 6.50 -4.00 -2.56
C3 R18 C . 5.72 -3.29 -3.63
C4 R18 C . 4.38 -3.81 -3.87
C5 R18 C . 3.96 -5.06 -3.51
C6 R18 C . 2.50 -5.51 -3.82
C7 R18 C . 2.48 -7.04 -4.03
C8 R18 C . 3.03 -7.77 -2.78
C9 R18 C . 4.48 -7.27 -2.46
C10 R18 C . 4.90 -6.04 -2.82
C11 R18 C . 5.34 -8.23 -1.72
C12 R18 C . 4.94 -9.47 -1.34
C13 R18 C . 3.56 -10.02 -1.65
C14 R18 C . 3.02 -9.32 -2.93
C15 R18 C . 1.63 -9.97 -3.22
C16 R18 C . 1.95 -11.42 -2.73
C17 R18 C . 3.42 -11.48 -2.12
C18 R18 C . 2.61 -9.69 -0.43
C27 R18 C . 4.35 -11.90 -3.23
O83 R18 C . 6.14 -2.30 -4.21
O97 R18 C . 3.38 -12.43 -1.03
#